data_6PPQ
#
_entry.id   6PPQ
#
_cell.length_a   68.857
_cell.length_b   68.857
_cell.length_c   296.297
_cell.angle_alpha   90.000
_cell.angle_beta   90.000
_cell.angle_gamma   120.000
#
_symmetry.space_group_name_H-M   'P 31 2 1'
#
loop_
_entity.id
_entity.type
_entity.pdbx_description
1 polymer 'U6 snRNA-associated Sm-like protein LSm1'
2 polymer 'U6 snRNA-associated Sm-like protein LSm2'
3 polymer 'Probable U6 snRNA-associated Sm-like protein LSm3'
4 polymer 'Probable U6 snRNA-associated Sm-like protein LSm4'
5 polymer 'U6 snRNA-associated Sm-like protein LSm5'
6 polymer 'U6 snRNA-associated Sm-like protein LSm6'
7 polymer 'U6 snRNA-associated Sm-like protein LSm7'
8 polymer "RNA (5'-R(*UP*UP*UP*UP*UP*A)-3')"
9 water water
#
loop_
_entity_poly.entity_id
_entity_poly.type
_entity_poly.pdbx_seq_one_letter_code
_entity_poly.pdbx_strand_id
1 'polypeptide(L)'
;GSMNQATQIIPFTTSGSLVDYVDRKVIVVLRDGKKLIGILRSFDQFANLMLQYTIERIYVDDMYGDIDRGVYIVRGENVV
LLGELD
;
A
2 'polypeptide(L)'
;MLFYSFFKTLIDTEVTVELKNDMSIRGILKSVDQFLNVKLENISVVDASKYPHMAAVKDLFIRGSVVRYVHMSSAYVDTI
LLADACRRDLANNKRQ
;
B
3 'polypeptide(L)'
;GSMESAQAVAEPLDLVRLSLDEIVYVKLRGDRELNGRLHAYDEHLNMVLGDAEEIVTIFDDEETDKDKALKTIRKHYEML
FVRGDSVILIAPPRN
;
C
4 'polypeptide(L)'
;MLPLTLLNATQGRPILVELKNGETFNGHLENCDNYMNLTLREVIRTMPDGDKFFRLPECYIRGNNIKYLRIQDEVLSQVA
KQQAQQRENRGSRFRGRGQRGRGNYGHTAPNRRGRGRGGHMWSHPQFEK
;
D
5 'polypeptide(L)' MSMTILPLELIDKCIGSNLWVIMKSEREFAGTLVGFDDYVNIVLKDVTEYDTVTGVTEKHSEMLLNGNGMCMLIPGGKPE E
6 'polypeptide(L)' GSMDSSPNEFLNKVIGKKVLIRLSSGVDYKGILSCLDGYMNLALERTEEYVNGKKTNVYGDAFIRGNNVLYVSALDD F
7 'polypeptide(L)'
;MSSLQKRPGPGNSSQPTERPRKESILDLSRYQDQRIQATFTGGRQITGILKGFDQLMNLVLDDVEEQLRNPEDGKLTGAI
RKLGLVVVRGTTLVLIAPMDGSEEIPNPFVQAEHHHHHH
;
G
8 'polyribonucleotide' UUUUUA H
#
# COMPACT_ATOMS: atom_id res chain seq x y z
N SER A 17 2.28 -20.78 14.00
CA SER A 17 1.31 -20.24 13.06
C SER A 17 -0.03 -20.04 13.72
N LEU A 18 -1.02 -19.65 12.92
CA LEU A 18 -2.37 -19.47 13.42
C LEU A 18 -3.08 -20.78 13.68
N VAL A 19 -2.43 -21.92 13.45
CA VAL A 19 -3.13 -23.20 13.61
C VAL A 19 -3.60 -23.35 15.06
N ASP A 20 -2.91 -22.71 16.01
CA ASP A 20 -3.29 -22.79 17.42
C ASP A 20 -4.62 -22.11 17.71
N TYR A 21 -5.08 -21.25 16.81
CA TYR A 21 -6.31 -20.48 16.98
C TYR A 21 -7.50 -21.10 16.26
N VAL A 22 -7.28 -22.11 15.42
CA VAL A 22 -8.35 -22.68 14.61
C VAL A 22 -9.39 -23.31 15.53
N ASP A 23 -10.67 -23.09 15.20
CA ASP A 23 -11.84 -23.55 15.95
C ASP A 23 -11.95 -22.89 17.32
N ARG A 24 -11.24 -21.79 17.54
CA ARG A 24 -11.38 -21.01 18.76
C ARG A 24 -12.06 -19.68 18.42
N LYS A 25 -12.71 -19.10 19.43
CA LYS A 25 -13.27 -17.76 19.24
C LYS A 25 -12.16 -16.72 19.30
N VAL A 26 -12.17 -15.79 18.35
CA VAL A 26 -11.15 -14.76 18.25
C VAL A 26 -11.83 -13.42 17.96
N ILE A 27 -11.10 -12.37 18.30
CA ILE A 27 -11.40 -11.02 17.81
C ILE A 27 -10.35 -10.68 16.76
N VAL A 28 -10.80 -10.18 15.61
CA VAL A 28 -9.94 -9.71 14.54
C VAL A 28 -10.15 -8.22 14.45
N VAL A 29 -9.05 -7.45 14.53
CA VAL A 29 -9.06 -6.02 14.29
C VAL A 29 -8.49 -5.78 12.90
N LEU A 30 -9.24 -5.01 12.10
CA LEU A 30 -8.92 -4.65 10.72
C LEU A 30 -8.33 -3.26 10.64
N ARG A 31 -7.69 -3.00 9.51
CA ARG A 31 -7.01 -1.71 9.33
C ARG A 31 -7.97 -0.55 9.36
N ASP A 32 -9.21 -0.74 8.92
CA ASP A 32 -10.20 0.33 8.98
C ASP A 32 -10.81 0.49 10.37
N GLY A 33 -10.36 -0.28 11.35
CA GLY A 33 -10.84 -0.14 12.70
C GLY A 33 -11.96 -1.09 13.09
N LYS A 34 -12.50 -1.86 12.15
CA LYS A 34 -13.60 -2.77 12.49
C LYS A 34 -13.14 -3.86 13.43
N LYS A 35 -14.06 -4.31 14.29
CA LYS A 35 -13.81 -5.42 15.21
C LYS A 35 -14.77 -6.55 14.86
N LEU A 36 -14.21 -7.69 14.46
CA LEU A 36 -14.99 -8.88 14.12
C LEU A 36 -14.74 -9.93 15.18
N ILE A 37 -15.79 -10.58 15.68
CA ILE A 37 -15.63 -11.63 16.67
C ILE A 37 -16.29 -12.89 16.12
N GLY A 38 -15.50 -13.93 15.94
CA GLY A 38 -16.06 -15.14 15.39
C GLY A 38 -15.18 -16.34 15.66
N ILE A 39 -15.55 -17.46 15.08
CA ILE A 39 -14.78 -18.69 15.19
C ILE A 39 -13.82 -18.76 14.01
N LEU A 40 -12.52 -18.80 14.28
CA LEU A 40 -11.55 -18.94 13.19
C LEU A 40 -11.62 -20.36 12.65
N ARG A 41 -11.94 -20.48 11.37
CA ARG A 41 -12.00 -21.82 10.77
C ARG A 41 -10.80 -22.11 9.89
N SER A 42 -10.25 -21.10 9.20
CA SER A 42 -9.05 -21.40 8.45
C SER A 42 -8.27 -20.13 8.16
N PHE A 43 -7.07 -20.31 7.59
CA PHE A 43 -6.14 -19.23 7.28
C PHE A 43 -5.19 -19.74 6.21
N ASP A 44 -4.51 -18.80 5.54
CA ASP A 44 -3.45 -19.24 4.63
C ASP A 44 -2.16 -18.44 4.83
N GLN A 45 -1.25 -18.57 3.87
CA GLN A 45 0.08 -17.99 4.00
C GLN A 45 0.07 -16.46 3.90
N PHE A 46 -1.02 -15.86 3.47
CA PHE A 46 -1.16 -14.40 3.49
C PHE A 46 -1.81 -13.89 4.76
N ALA A 47 -2.16 -14.80 5.67
CA ALA A 47 -3.06 -14.53 6.78
C ALA A 47 -4.44 -14.10 6.32
N ASN A 48 -4.84 -14.45 5.09
CA ASN A 48 -6.26 -14.48 4.77
C ASN A 48 -6.94 -15.33 5.84
N LEU A 49 -8.13 -14.91 6.28
CA LEU A 49 -8.81 -15.62 7.36
C LEU A 49 -10.20 -16.02 6.93
N MET A 50 -10.67 -17.17 7.42
CA MET A 50 -12.06 -17.53 7.25
C MET A 50 -12.67 -17.72 8.64
N LEU A 51 -13.75 -16.96 8.90
CA LEU A 51 -14.43 -16.87 10.18
C LEU A 51 -15.89 -17.28 10.05
N GLN A 52 -16.38 -18.06 11.02
CA GLN A 52 -17.77 -18.50 11.04
C GLN A 52 -18.47 -18.00 12.30
N TYR A 53 -19.79 -17.81 12.19
CA TYR A 53 -20.61 -17.31 13.31
C TYR A 53 -20.09 -15.96 13.77
N THR A 54 -19.79 -15.09 12.81
CA THR A 54 -19.13 -13.83 13.12
C THR A 54 -20.15 -12.74 13.46
N ILE A 55 -19.79 -11.92 14.44
CA ILE A 55 -20.48 -10.66 14.70
C ILE A 55 -19.50 -9.54 14.44
N GLU A 56 -20.03 -8.41 14.01
CA GLU A 56 -19.30 -7.15 14.00
C GLU A 56 -19.69 -6.38 15.24
N ARG A 57 -18.69 -5.98 16.04
CA ARG A 57 -18.97 -5.28 17.29
C ARG A 57 -18.57 -3.82 17.12
N ILE A 58 -19.53 -2.92 17.25
CA ILE A 58 -19.32 -1.50 17.06
C ILE A 58 -19.23 -0.84 18.43
N TYR A 59 -18.12 -0.16 18.67
CA TYR A 59 -17.84 0.48 19.95
C TYR A 59 -18.06 1.98 19.85
N VAL A 60 -18.59 2.54 20.92
CA VAL A 60 -18.55 3.97 21.20
C VAL A 60 -18.07 4.06 22.65
N ASP A 61 -16.80 4.43 22.82
CA ASP A 61 -16.13 4.45 24.13
C ASP A 61 -16.24 3.03 24.70
N ASP A 62 -16.67 2.87 25.95
CA ASP A 62 -16.78 1.53 26.54
C ASP A 62 -18.09 0.84 26.21
N MET A 63 -18.93 1.41 25.36
CA MET A 63 -20.19 0.78 25.01
C MET A 63 -20.08 0.12 23.65
N TYR A 64 -20.94 -0.86 23.40
CA TYR A 64 -20.88 -1.52 22.11
C TYR A 64 -22.23 -2.10 21.75
N GLY A 65 -22.36 -2.43 20.48
CA GLY A 65 -23.51 -3.17 19.98
C GLY A 65 -23.05 -4.10 18.88
N ASP A 66 -23.78 -5.20 18.70
CA ASP A 66 -23.35 -6.25 17.80
C ASP A 66 -24.27 -6.38 16.60
N ILE A 67 -23.70 -6.73 15.45
CA ILE A 67 -24.45 -7.09 14.24
C ILE A 67 -24.08 -8.52 13.86
N ASP A 68 -25.09 -9.37 13.67
CA ASP A 68 -24.85 -10.70 13.11
C ASP A 68 -24.35 -10.57 11.67
N ARG A 69 -23.26 -11.25 11.34
CA ARG A 69 -22.62 -11.09 10.04
C ARG A 69 -22.37 -12.37 9.27
N GLY A 70 -22.40 -13.54 9.92
CA GLY A 70 -22.18 -14.77 9.19
C GLY A 70 -20.74 -15.14 8.95
N VAL A 71 -20.43 -15.56 7.74
CA VAL A 71 -19.10 -16.07 7.40
C VAL A 71 -18.33 -14.96 6.70
N TYR A 72 -17.08 -14.76 7.10
CA TYR A 72 -16.18 -13.83 6.43
C TYR A 72 -15.00 -14.56 5.83
N ILE A 73 -14.53 -14.04 4.70
CA ILE A 73 -13.16 -14.27 4.24
C ILE A 73 -12.48 -12.91 4.30
N VAL A 74 -11.55 -12.74 5.24
CA VAL A 74 -10.84 -11.48 5.38
C VAL A 74 -9.53 -11.55 4.62
N ARG A 75 -9.29 -10.57 3.77
CA ARG A 75 -8.04 -10.56 3.02
C ARG A 75 -6.91 -10.14 3.97
N GLY A 76 -5.85 -10.94 3.98
CA GLY A 76 -4.86 -10.86 5.06
C GLY A 76 -4.27 -9.48 5.26
N GLU A 77 -4.06 -8.74 4.16
CA GLU A 77 -3.40 -7.43 4.30
C GLU A 77 -4.21 -6.46 5.15
N ASN A 78 -5.51 -6.71 5.35
CA ASN A 78 -6.32 -5.80 6.16
C ASN A 78 -6.33 -6.19 7.62
N VAL A 79 -5.69 -7.28 7.99
CA VAL A 79 -5.71 -7.77 9.37
C VAL A 79 -4.65 -7.04 10.16
N VAL A 80 -5.06 -6.34 11.23
CA VAL A 80 -4.11 -5.77 12.16
C VAL A 80 -3.71 -6.82 13.18
N LEU A 81 -4.70 -7.38 13.86
CA LEU A 81 -4.32 -8.36 14.87
C LEU A 81 -5.47 -9.35 15.05
N LEU A 82 -5.12 -10.48 15.65
CA LEU A 82 -6.07 -11.53 15.99
C LEU A 82 -5.80 -11.91 17.44
N GLY A 83 -6.84 -11.88 18.27
CA GLY A 83 -6.68 -12.15 19.68
C GLY A 83 -7.61 -13.26 20.11
N GLU A 84 -7.09 -14.20 20.90
CA GLU A 84 -7.91 -15.31 21.37
C GLU A 84 -8.87 -14.84 22.46
N LEU A 85 -10.12 -15.29 22.36
CA LEU A 85 -11.12 -14.99 23.39
C LEU A 85 -11.63 -16.27 24.06
N MET B 1 18.19 -14.09 6.95
CA MET B 1 17.11 -13.80 7.88
C MET B 1 17.65 -13.21 9.18
N LEU B 2 18.33 -12.06 9.06
CA LEU B 2 18.98 -11.43 10.20
C LEU B 2 17.99 -11.11 11.31
N PHE B 3 16.93 -10.37 10.97
CA PHE B 3 16.04 -9.92 12.05
C PHE B 3 15.11 -11.03 12.53
N TYR B 4 14.77 -12.00 11.68
CA TYR B 4 14.13 -13.22 12.17
C TYR B 4 14.96 -13.88 13.28
N SER B 5 16.27 -14.03 13.08
CA SER B 5 17.11 -14.66 14.10
C SER B 5 17.21 -13.78 15.34
N PHE B 6 17.37 -12.46 15.14
CA PHE B 6 17.35 -11.52 16.24
C PHE B 6 16.13 -11.72 17.13
N PHE B 7 14.94 -11.74 16.52
CA PHE B 7 13.73 -11.91 17.32
C PHE B 7 13.63 -13.29 17.94
N LYS B 8 14.13 -14.33 17.27
CA LYS B 8 14.14 -15.63 17.94
C LYS B 8 15.00 -15.61 19.19
N THR B 9 16.02 -14.74 19.25
CA THR B 9 16.74 -14.62 20.52
C THR B 9 15.93 -13.90 21.60
N LEU B 10 14.84 -13.23 21.26
CA LEU B 10 14.04 -12.52 22.25
C LEU B 10 12.81 -13.30 22.70
N ILE B 11 12.66 -14.54 22.28
CA ILE B 11 11.47 -15.30 22.68
C ILE B 11 11.49 -15.51 24.18
N ASP B 12 10.32 -15.36 24.80
CA ASP B 12 10.12 -15.46 26.25
C ASP B 12 10.67 -14.26 27.01
N THR B 13 10.97 -13.18 26.31
CA THR B 13 11.31 -11.90 26.95
C THR B 13 10.22 -10.88 26.63
N GLU B 14 10.20 -9.79 27.40
CA GLU B 14 9.19 -8.77 27.23
C GLU B 14 9.57 -7.80 26.12
N VAL B 15 8.59 -7.48 25.26
CA VAL B 15 8.75 -6.48 24.21
C VAL B 15 7.50 -5.62 24.17
N THR B 16 7.60 -4.49 23.48
CA THR B 16 6.45 -3.67 23.17
C THR B 16 6.40 -3.44 21.66
N VAL B 17 5.27 -3.76 21.06
CA VAL B 17 5.04 -3.59 19.63
C VAL B 17 4.22 -2.33 19.44
N GLU B 18 4.73 -1.38 18.67
CA GLU B 18 3.95 -0.22 18.27
C GLU B 18 3.46 -0.45 16.85
N LEU B 19 2.14 -0.47 16.68
CA LEU B 19 1.53 -0.73 15.40
C LEU B 19 1.40 0.55 14.59
N LYS B 20 1.26 0.38 13.27
CA LYS B 20 1.05 1.54 12.41
C LYS B 20 -0.26 2.27 12.73
N ASN B 21 -1.23 1.60 13.37
CA ASN B 21 -2.45 2.27 13.79
C ASN B 21 -2.30 3.00 15.12
N ASP B 22 -1.07 3.08 15.64
CA ASP B 22 -0.61 3.84 16.80
C ASP B 22 -0.93 3.17 18.13
N MET B 23 -1.53 1.98 18.13
CA MET B 23 -1.68 1.21 19.36
C MET B 23 -0.36 0.54 19.71
N SER B 24 -0.01 0.56 20.99
CA SER B 24 1.17 -0.13 21.48
C SER B 24 0.73 -1.26 22.41
N ILE B 25 1.35 -2.42 22.24
CA ILE B 25 1.02 -3.60 23.04
C ILE B 25 2.31 -4.13 23.65
N ARG B 26 2.36 -4.24 24.97
CA ARG B 26 3.47 -4.87 25.65
C ARG B 26 3.11 -6.31 25.97
N GLY B 27 4.07 -7.22 25.85
CA GLY B 27 3.82 -8.59 26.24
C GLY B 27 5.06 -9.44 26.07
N ILE B 28 4.91 -10.71 26.43
CA ILE B 28 5.99 -11.68 26.27
C ILE B 28 5.99 -12.19 24.84
N LEU B 29 7.13 -12.07 24.16
CA LEU B 29 7.25 -12.62 22.80
C LEU B 29 7.30 -14.13 22.85
N LYS B 30 6.30 -14.79 22.25
CA LYS B 30 6.23 -16.24 22.25
C LYS B 30 6.58 -16.85 20.90
N SER B 31 6.48 -16.09 19.80
CA SER B 31 6.70 -16.67 18.48
C SER B 31 7.03 -15.57 17.47
N VAL B 32 7.80 -15.95 16.46
CA VAL B 32 8.07 -15.07 15.33
C VAL B 32 8.35 -15.95 14.12
N ASP B 33 7.98 -15.46 12.93
CA ASP B 33 8.19 -16.24 11.71
C ASP B 33 8.94 -15.40 10.67
N GLN B 34 9.13 -16.00 9.49
CA GLN B 34 9.91 -15.37 8.43
C GLN B 34 9.38 -13.99 8.05
N PHE B 35 8.07 -13.77 8.17
CA PHE B 35 7.48 -12.49 7.83
C PHE B 35 7.55 -11.48 8.97
N LEU B 36 8.09 -11.90 10.11
CA LEU B 36 8.07 -11.13 11.35
C LEU B 36 6.64 -10.90 11.86
N ASN B 37 5.71 -11.81 11.52
CA ASN B 37 4.53 -11.95 12.35
C ASN B 37 4.99 -12.30 13.76
N VAL B 38 4.31 -11.79 14.78
CA VAL B 38 4.68 -12.18 16.13
C VAL B 38 3.45 -12.64 16.90
N LYS B 39 3.68 -13.49 17.90
CA LYS B 39 2.68 -13.83 18.91
C LYS B 39 3.16 -13.28 20.25
N LEU B 40 2.27 -12.60 20.96
CA LEU B 40 2.53 -12.11 22.30
C LEU B 40 1.59 -12.77 23.29
N GLU B 41 2.09 -13.02 24.50
CA GLU B 41 1.31 -13.56 25.59
C GLU B 41 1.34 -12.62 26.79
N ASN B 42 0.33 -12.77 27.65
CA ASN B 42 0.15 -11.94 28.84
C ASN B 42 0.27 -10.45 28.51
N ILE B 43 -0.50 -10.04 27.52
CA ILE B 43 -0.34 -8.70 26.94
C ILE B 43 -0.92 -7.65 27.87
N SER B 44 -0.43 -6.42 27.72
CA SER B 44 -1.08 -5.24 28.27
C SER B 44 -1.02 -4.15 27.22
N VAL B 45 -2.14 -3.49 26.97
CA VAL B 45 -2.24 -2.47 25.94
C VAL B 45 -1.93 -1.13 26.59
N VAL B 46 -1.09 -0.32 25.93
CA VAL B 46 -0.84 1.03 26.42
C VAL B 46 -2.08 1.89 26.21
N ASP B 47 -2.42 2.69 27.21
CA ASP B 47 -3.67 3.46 27.22
C ASP B 47 -4.87 2.55 26.98
N ALA B 48 -5.03 1.56 27.87
CA ALA B 48 -5.96 0.47 27.63
C ALA B 48 -7.41 0.95 27.50
N SER B 49 -7.77 2.00 28.24
CA SER B 49 -9.14 2.50 28.18
C SER B 49 -9.52 3.00 26.79
N LYS B 50 -8.54 3.41 25.99
CA LYS B 50 -8.79 3.81 24.61
C LYS B 50 -9.09 2.63 23.70
N TYR B 51 -8.81 1.41 24.14
CA TYR B 51 -8.98 0.20 23.34
C TYR B 51 -9.76 -0.84 24.13
N PRO B 52 -11.02 -0.53 24.47
CA PRO B 52 -11.79 -1.44 25.35
C PRO B 52 -11.97 -2.83 24.79
N HIS B 53 -12.01 -2.97 23.45
CA HIS B 53 -12.16 -4.27 22.81
C HIS B 53 -10.98 -5.20 23.10
N MET B 54 -9.89 -4.71 23.69
CA MET B 54 -8.76 -5.55 24.00
C MET B 54 -8.79 -6.10 25.42
N ALA B 55 -9.80 -5.74 26.21
CA ALA B 55 -9.75 -6.00 27.65
C ALA B 55 -9.78 -7.49 27.98
N ALA B 56 -10.45 -8.31 27.17
CA ALA B 56 -10.56 -9.73 27.45
C ALA B 56 -9.56 -10.56 26.64
N VAL B 57 -8.58 -9.93 26.00
CA VAL B 57 -7.59 -10.63 25.21
C VAL B 57 -6.36 -10.84 26.08
N LYS B 58 -5.87 -12.08 26.15
CA LYS B 58 -4.62 -12.36 26.85
C LYS B 58 -3.45 -12.71 25.92
N ASP B 59 -3.75 -13.26 24.74
CA ASP B 59 -2.74 -13.73 23.80
C ASP B 59 -3.13 -13.22 22.41
N LEU B 60 -2.15 -12.87 21.60
CA LEU B 60 -2.53 -12.32 20.30
C LEU B 60 -1.44 -12.53 19.27
N PHE B 61 -1.87 -12.43 18.02
CA PHE B 61 -1.03 -12.52 16.83
C PHE B 61 -1.08 -11.16 16.15
N ILE B 62 0.08 -10.69 15.70
CA ILE B 62 0.21 -9.42 15.01
C ILE B 62 0.89 -9.69 13.66
N ARG B 63 0.26 -9.22 12.59
CA ARG B 63 0.83 -9.38 11.25
C ARG B 63 2.05 -8.46 11.12
N GLY B 64 3.17 -9.03 10.65
CA GLY B 64 4.41 -8.26 10.65
C GLY B 64 4.28 -6.96 9.89
N SER B 65 3.45 -6.95 8.83
CA SER B 65 3.28 -5.79 7.97
C SER B 65 2.66 -4.60 8.67
N VAL B 66 1.97 -4.79 9.80
CA VAL B 66 1.34 -3.66 10.46
C VAL B 66 2.18 -3.10 11.58
N VAL B 67 3.37 -3.65 11.80
CA VAL B 67 4.26 -3.17 12.85
C VAL B 67 5.01 -1.94 12.37
N ARG B 68 5.05 -0.90 13.22
CA ARG B 68 5.97 0.20 13.02
C ARG B 68 7.28 -0.05 13.77
N TYR B 69 7.20 -0.33 15.07
CA TYR B 69 8.36 -0.57 15.91
C TYR B 69 8.18 -1.81 16.78
N VAL B 70 9.30 -2.41 17.17
CA VAL B 70 9.35 -3.27 18.37
C VAL B 70 10.50 -2.76 19.23
N HIS B 71 10.20 -2.41 20.48
CA HIS B 71 11.25 -1.90 21.34
C HIS B 71 11.30 -2.69 22.64
N MET B 72 12.48 -2.69 23.25
CA MET B 72 12.77 -3.54 24.39
C MET B 72 13.96 -2.96 25.13
N SER B 73 14.18 -3.48 26.34
CA SER B 73 15.36 -3.12 27.11
C SER B 73 16.62 -3.62 26.41
N SER B 74 17.70 -2.87 26.57
CA SER B 74 18.96 -3.15 25.90
C SER B 74 19.83 -4.08 26.75
N ALA B 75 20.61 -4.93 26.07
CA ALA B 75 21.66 -5.73 26.69
C ALA B 75 22.90 -5.69 25.82
N TYR B 76 24.06 -5.61 26.46
CA TYR B 76 25.34 -5.47 25.74
C TYR B 76 25.58 -6.66 24.81
N VAL B 77 25.40 -7.88 25.34
CA VAL B 77 25.57 -9.09 24.55
C VAL B 77 24.68 -9.06 23.31
N ASP B 78 23.40 -8.71 23.50
CA ASP B 78 22.47 -8.61 22.38
C ASP B 78 23.02 -7.68 21.30
N THR B 79 23.53 -6.52 21.70
CA THR B 79 23.86 -5.47 20.73
C THR B 79 25.12 -5.83 19.95
N ILE B 80 26.15 -6.29 20.66
CA ILE B 80 27.39 -6.60 19.95
C ILE B 80 27.21 -7.84 19.09
N LEU B 81 26.41 -8.82 19.54
CA LEU B 81 26.19 -10.00 18.71
C LEU B 81 25.33 -9.68 17.49
N LEU B 82 24.40 -8.76 17.63
CA LEU B 82 23.58 -8.39 16.49
C LEU B 82 24.41 -7.64 15.45
N ALA B 83 25.26 -6.72 15.91
CA ALA B 83 26.14 -6.02 14.98
C ALA B 83 27.10 -6.99 14.31
N ASP B 84 27.70 -7.91 15.10
CA ASP B 84 28.50 -8.99 14.55
C ASP B 84 27.76 -9.72 13.43
N ALA B 85 26.51 -10.12 13.69
CA ALA B 85 25.76 -10.92 12.72
C ALA B 85 25.48 -10.12 11.45
N CYS B 86 25.18 -8.84 11.58
CA CYS B 86 24.96 -8.03 10.39
C CYS B 86 26.25 -7.91 9.57
N ARG B 87 27.38 -7.67 10.24
CA ARG B 87 28.65 -7.63 9.51
C ARG B 87 29.00 -8.97 8.89
N ARG B 88 28.62 -10.06 9.55
CA ARG B 88 28.88 -11.40 9.02
C ARG B 88 28.07 -11.64 7.75
N ASP B 89 26.79 -11.27 7.78
CA ASP B 89 25.98 -11.33 6.56
C ASP B 89 26.60 -10.51 5.45
N LEU B 90 27.09 -9.31 5.78
CA LEU B 90 27.66 -8.45 4.74
C LEU B 90 28.92 -9.06 4.14
N ALA B 91 29.77 -9.66 4.97
CA ALA B 91 30.99 -10.28 4.47
C ALA B 91 30.68 -11.54 3.66
N ASN B 92 29.67 -12.31 4.07
CA ASN B 92 29.37 -13.59 3.45
C ASN B 92 28.45 -13.45 2.24
N ASN B 93 27.30 -12.80 2.44
CA ASN B 93 26.34 -12.62 1.36
C ASN B 93 26.72 -11.42 0.48
N ALA C 10 29.32 2.44 -4.14
CA ALA C 10 29.01 2.25 -5.56
C ALA C 10 27.54 1.91 -5.73
N GLU C 11 26.89 1.58 -4.62
CA GLU C 11 25.47 1.31 -4.60
C GLU C 11 24.86 2.00 -3.38
N PRO C 12 23.60 2.43 -3.47
CA PRO C 12 23.03 3.27 -2.40
C PRO C 12 23.09 2.68 -1.00
N LEU C 13 22.86 1.37 -0.85
CA LEU C 13 22.92 0.75 0.47
C LEU C 13 24.30 0.84 1.10
N ASP C 14 25.34 1.08 0.30
CA ASP C 14 26.66 1.28 0.89
C ASP C 14 26.65 2.42 1.90
N LEU C 15 25.83 3.46 1.65
CA LEU C 15 25.72 4.55 2.61
C LEU C 15 25.27 4.05 3.97
N VAL C 16 24.35 3.09 3.98
CA VAL C 16 23.88 2.53 5.23
C VAL C 16 24.94 1.59 5.80
N ARG C 17 25.62 0.84 4.92
CA ARG C 17 26.65 -0.08 5.37
C ARG C 17 27.74 0.66 6.13
N LEU C 18 28.20 1.77 5.56
CA LEU C 18 29.24 2.60 6.16
C LEU C 18 28.78 3.32 7.42
N SER C 19 27.50 3.24 7.77
CA SER C 19 26.97 3.89 8.96
C SER C 19 26.82 2.96 10.16
N LEU C 20 27.16 1.67 9.99
CA LEU C 20 27.08 0.73 11.10
C LEU C 20 27.86 1.24 12.30
N ASP C 21 27.24 1.14 13.48
CA ASP C 21 27.78 1.57 14.77
C ASP C 21 27.93 3.08 14.89
N GLU C 22 27.29 3.84 14.00
CA GLU C 22 27.29 5.29 14.05
C GLU C 22 25.89 5.80 14.34
N ILE C 23 25.82 7.04 14.81
CA ILE C 23 24.52 7.67 15.03
C ILE C 23 23.97 8.14 13.69
N VAL C 24 22.84 7.56 13.28
CA VAL C 24 22.20 7.93 12.04
C VAL C 24 20.93 8.72 12.34
N TYR C 25 20.50 9.48 11.34
CA TYR C 25 19.22 10.14 11.33
C TYR C 25 18.31 9.42 10.33
N VAL C 26 17.06 9.18 10.72
CA VAL C 26 16.10 8.44 9.89
C VAL C 26 14.81 9.25 9.82
N LYS C 27 14.33 9.50 8.62
CA LYS C 27 13.03 10.10 8.41
C LYS C 27 12.05 9.01 8.02
N LEU C 28 10.90 8.97 8.69
CA LEU C 28 9.90 7.94 8.49
C LEU C 28 8.55 8.53 8.10
N ARG C 29 7.72 7.70 7.50
CA ARG C 29 6.36 8.09 7.20
C ARG C 29 5.62 8.43 8.49
N GLY C 30 4.57 9.24 8.35
CA GLY C 30 3.78 9.62 9.49
C GLY C 30 4.37 10.72 10.33
N ASP C 31 5.25 11.54 9.75
CA ASP C 31 5.82 12.72 10.43
C ASP C 31 6.65 12.32 11.65
N ARG C 32 7.47 11.29 11.49
CA ARG C 32 8.34 10.80 12.54
C ARG C 32 9.80 10.86 12.10
N GLU C 33 10.67 11.10 13.07
CA GLU C 33 12.10 11.09 12.85
C GLU C 33 12.78 10.33 13.97
N LEU C 34 13.90 9.70 13.66
CA LEU C 34 14.70 8.98 14.64
C LEU C 34 16.13 9.45 14.56
N ASN C 35 16.78 9.49 15.72
CA ASN C 35 18.23 9.64 15.79
C ASN C 35 18.73 8.54 16.72
N GLY C 36 19.64 7.71 16.22
CA GLY C 36 20.14 6.66 17.10
C GLY C 36 21.28 5.89 16.46
N ARG C 37 21.96 5.11 17.30
CA ARG C 37 23.10 4.33 16.85
C ARG C 37 22.62 3.11 16.07
N LEU C 38 23.09 2.99 14.82
CA LEU C 38 22.67 1.90 13.94
C LEU C 38 23.43 0.63 14.30
N HIS C 39 22.70 -0.40 14.76
CA HIS C 39 23.38 -1.65 15.10
C HIS C 39 23.24 -2.71 14.01
N ALA C 40 22.16 -2.69 13.25
CA ALA C 40 21.96 -3.64 12.18
C ALA C 40 20.90 -3.09 11.22
N TYR C 41 20.97 -3.56 9.98
CA TYR C 41 19.95 -3.25 8.99
C TYR C 41 19.87 -4.41 8.00
N ASP C 42 18.86 -4.39 7.12
CA ASP C 42 18.82 -5.38 6.04
C ASP C 42 18.33 -4.69 4.76
N GLU C 43 18.16 -5.50 3.72
CA GLU C 43 17.81 -4.95 2.41
C GLU C 43 16.43 -4.30 2.39
N HIS C 44 15.54 -4.61 3.34
CA HIS C 44 14.28 -3.89 3.44
C HIS C 44 14.44 -2.52 4.10
N LEU C 45 15.64 -2.22 4.61
CA LEU C 45 15.89 -1.13 5.56
C LEU C 45 15.15 -1.30 6.89
N ASN C 46 14.73 -2.54 7.21
CA ASN C 46 14.58 -2.88 8.62
C ASN C 46 15.85 -2.44 9.35
N MET C 47 15.72 -1.91 10.56
CA MET C 47 16.97 -1.65 11.26
C MET C 47 16.75 -1.72 12.77
N VAL C 48 17.85 -1.85 13.50
CA VAL C 48 17.82 -1.75 14.97
C VAL C 48 18.68 -0.56 15.35
N LEU C 49 18.08 0.39 16.07
CA LEU C 49 18.79 1.54 16.61
C LEU C 49 18.91 1.42 18.12
N GLY C 50 20.07 1.79 18.65
CA GLY C 50 20.32 1.78 20.08
C GLY C 50 20.31 3.20 20.61
N ASP C 51 19.85 3.35 21.85
CA ASP C 51 19.82 4.65 22.52
C ASP C 51 19.22 5.71 21.61
N ALA C 52 18.00 5.44 21.17
CA ALA C 52 17.36 6.15 20.08
C ALA C 52 16.35 7.16 20.60
N GLU C 53 16.28 8.30 19.93
CA GLU C 53 15.28 9.32 20.21
C GLU C 53 14.37 9.47 19.01
N GLU C 54 13.07 9.50 19.27
CA GLU C 54 12.06 9.70 18.25
C GLU C 54 11.42 11.08 18.44
N ILE C 55 11.22 11.78 17.34
CA ILE C 55 10.49 13.04 17.31
C ILE C 55 9.25 12.82 16.46
N VAL C 56 8.09 12.94 17.08
CA VAL C 56 6.81 12.84 16.41
C VAL C 56 6.28 14.26 16.24
N THR C 57 6.09 14.69 15.00
CA THR C 57 5.53 16.01 14.73
C THR C 57 4.02 15.89 14.50
N ILE C 58 3.26 16.76 15.15
CA ILE C 58 1.81 16.74 15.12
C ILE C 58 1.31 18.15 14.84
N PHE C 59 0.37 18.27 13.90
CA PHE C 59 -0.20 19.57 13.54
C PHE C 59 -1.55 19.78 14.24
N LEU C 70 4.12 21.74 13.99
CA LEU C 70 3.48 22.62 14.95
C LEU C 70 3.88 22.23 16.38
N LYS C 71 3.54 21.02 16.82
CA LYS C 71 4.00 20.47 18.09
C LYS C 71 4.88 19.25 17.84
N THR C 72 5.79 18.97 18.78
CA THR C 72 6.61 17.77 18.72
C THR C 72 6.58 17.04 20.05
N ILE C 73 6.50 15.71 19.97
CA ILE C 73 6.60 14.81 21.11
C ILE C 73 7.92 14.05 20.97
N ARG C 74 8.69 14.00 22.06
CA ARG C 74 9.98 13.31 22.05
C ARG C 74 9.87 12.05 22.90
N LYS C 75 10.38 10.94 22.36
CA LYS C 75 10.37 9.66 23.05
C LYS C 75 11.76 9.05 22.97
N HIS C 76 12.09 8.20 23.94
CA HIS C 76 13.40 7.58 23.98
C HIS C 76 13.26 6.07 24.12
N TYR C 77 14.10 5.33 23.40
CA TYR C 77 14.08 3.87 23.40
C TYR C 77 15.48 3.36 23.62
N GLU C 78 15.65 2.43 24.57
CA GLU C 78 16.97 1.82 24.77
C GLU C 78 17.39 1.01 23.55
N MET C 79 16.46 0.26 22.99
CA MET C 79 16.72 -0.57 21.81
C MET C 79 15.43 -0.58 20.99
N LEU C 80 15.54 -0.32 19.70
CA LEU C 80 14.35 -0.08 18.88
C LEU C 80 14.49 -0.77 17.53
N PHE C 81 13.60 -1.70 17.23
CA PHE C 81 13.49 -2.24 15.88
C PHE C 81 12.52 -1.39 15.07
N VAL C 82 12.93 -1.02 13.85
CA VAL C 82 12.12 -0.22 12.93
C VAL C 82 11.86 -1.04 11.67
N ARG C 83 10.59 -1.23 11.33
CA ARG C 83 10.29 -1.94 10.09
C ARG C 83 10.59 -1.04 8.90
N GLY C 84 11.23 -1.63 7.88
CA GLY C 84 11.79 -0.83 6.81
C GLY C 84 10.76 -0.13 5.94
N ASP C 85 9.54 -0.66 5.86
CA ASP C 85 8.61 -0.04 4.91
C ASP C 85 8.16 1.36 5.33
N SER C 86 8.42 1.78 6.57
CA SER C 86 8.14 3.15 7.00
C SER C 86 9.26 4.12 6.67
N VAL C 87 10.42 3.64 6.24
CA VAL C 87 11.61 4.48 6.12
C VAL C 87 11.52 5.32 4.85
N ILE C 88 11.79 6.61 4.97
CA ILE C 88 11.89 7.50 3.82
C ILE C 88 13.33 7.83 3.52
N LEU C 89 14.08 8.25 4.54
CA LEU C 89 15.43 8.75 4.30
C LEU C 89 16.33 8.30 5.45
N ILE C 90 17.56 7.94 5.13
CA ILE C 90 18.60 7.70 6.13
C ILE C 90 19.79 8.61 5.82
N ALA C 91 20.28 9.31 6.83
CA ALA C 91 21.46 10.15 6.69
C ALA C 91 22.53 9.69 7.66
N PRO C 92 23.73 9.39 7.16
CA PRO C 92 24.86 9.09 8.05
C PRO C 92 25.28 10.32 8.83
N PRO C 93 26.07 10.14 9.88
CA PRO C 93 26.54 11.29 10.64
C PRO C 93 27.55 12.11 9.84
N ARG C 94 27.67 13.38 10.19
CA ARG C 94 28.58 14.30 9.52
C ARG C 94 30.05 14.02 9.82
N MET D 1 -10.54 -26.20 5.66
CA MET D 1 -10.71 -25.73 4.30
C MET D 1 -10.21 -24.31 4.10
N LEU D 2 -9.21 -24.15 3.22
CA LEU D 2 -8.53 -22.88 3.05
C LEU D 2 -9.48 -21.78 2.59
N PRO D 3 -9.20 -20.52 2.96
CA PRO D 3 -10.07 -19.40 2.53
C PRO D 3 -10.32 -19.34 1.03
N LEU D 4 -9.29 -19.50 0.21
CA LEU D 4 -9.48 -19.40 -1.24
C LEU D 4 -10.17 -20.63 -1.82
N THR D 5 -10.03 -21.79 -1.16
CA THR D 5 -10.81 -22.96 -1.56
C THR D 5 -12.30 -22.71 -1.34
N LEU D 6 -12.68 -22.14 -0.20
CA LEU D 6 -14.06 -21.73 0.02
C LEU D 6 -14.50 -20.73 -1.03
N LEU D 7 -13.66 -19.73 -1.32
CA LEU D 7 -14.02 -18.75 -2.33
C LEU D 7 -14.33 -19.43 -3.67
N ASN D 8 -13.46 -20.35 -4.10
CA ASN D 8 -13.71 -21.08 -5.33
C ASN D 8 -15.01 -21.87 -5.25
N ALA D 9 -15.30 -22.44 -4.09
CA ALA D 9 -16.54 -23.19 -3.92
C ALA D 9 -17.78 -22.30 -3.94
N THR D 10 -17.61 -20.99 -3.74
CA THR D 10 -18.72 -20.05 -3.74
C THR D 10 -19.17 -19.61 -5.13
N GLN D 11 -18.47 -20.03 -6.19
CA GLN D 11 -18.88 -19.68 -7.54
C GLN D 11 -20.32 -20.08 -7.84
N GLY D 12 -21.08 -19.13 -8.38
CA GLY D 12 -22.48 -19.35 -8.65
C GLY D 12 -23.42 -18.93 -7.54
N ARG D 13 -22.89 -18.47 -6.42
CA ARG D 13 -23.64 -18.15 -5.23
C ARG D 13 -23.54 -16.67 -4.86
N PRO D 14 -24.49 -16.15 -4.10
CA PRO D 14 -24.40 -14.77 -3.64
C PRO D 14 -23.19 -14.53 -2.75
N ILE D 15 -22.66 -13.32 -2.85
CA ILE D 15 -21.48 -12.90 -2.12
C ILE D 15 -21.62 -11.40 -1.88
N LEU D 16 -20.98 -10.92 -0.82
CA LEU D 16 -20.83 -9.50 -0.57
C LEU D 16 -19.34 -9.20 -0.53
N VAL D 17 -18.91 -8.19 -1.27
CA VAL D 17 -17.51 -7.78 -1.32
C VAL D 17 -17.43 -6.37 -0.76
N GLU D 18 -16.59 -6.15 0.24
CA GLU D 18 -16.31 -4.79 0.67
C GLU D 18 -14.90 -4.43 0.22
N LEU D 19 -14.79 -3.28 -0.45
CA LEU D 19 -13.51 -2.79 -0.93
C LEU D 19 -12.79 -2.01 0.15
N LYS D 20 -11.49 -1.77 -0.08
CA LYS D 20 -10.71 -1.03 0.92
C LYS D 20 -11.29 0.35 1.22
N ASN D 21 -11.99 0.98 0.26
CA ASN D 21 -12.58 2.28 0.52
C ASN D 21 -13.98 2.20 1.12
N GLY D 22 -14.47 1.00 1.46
CA GLY D 22 -15.76 0.88 2.08
C GLY D 22 -16.92 0.72 1.12
N GLU D 23 -16.70 0.79 -0.18
CA GLU D 23 -17.74 0.42 -1.13
C GLU D 23 -18.09 -1.05 -0.97
N THR D 24 -19.36 -1.40 -1.17
CA THR D 24 -19.76 -2.79 -1.13
C THR D 24 -20.40 -3.20 -2.45
N PHE D 25 -20.21 -4.46 -2.82
CA PHE D 25 -20.77 -5.06 -4.03
C PHE D 25 -21.47 -6.36 -3.64
N ASN D 26 -22.77 -6.40 -3.83
CA ASN D 26 -23.59 -7.59 -3.63
C ASN D 26 -23.84 -8.24 -4.98
N GLY D 27 -23.45 -9.50 -5.14
CA GLY D 27 -23.76 -10.13 -6.41
C GLY D 27 -23.57 -11.62 -6.36
N HIS D 28 -23.77 -12.27 -7.50
CA HIS D 28 -23.43 -13.68 -7.62
C HIS D 28 -21.99 -13.82 -8.08
N LEU D 29 -21.22 -14.65 -7.40
CA LEU D 29 -19.82 -14.85 -7.80
C LEU D 29 -19.78 -15.64 -9.09
N GLU D 30 -19.22 -15.04 -10.13
CA GLU D 30 -19.05 -15.75 -11.39
C GLU D 30 -17.72 -16.48 -11.41
N ASN D 31 -16.63 -15.78 -11.13
CA ASN D 31 -15.33 -16.43 -11.17
C ASN D 31 -14.37 -15.74 -10.20
N CYS D 32 -13.28 -16.44 -9.89
CA CYS D 32 -12.22 -15.86 -9.07
C CYS D 32 -10.91 -16.55 -9.41
N ASP D 33 -9.81 -15.93 -9.00
CA ASP D 33 -8.51 -16.56 -9.20
C ASP D 33 -7.68 -16.46 -7.93
N ASN D 34 -6.42 -16.89 -8.00
CA ASN D 34 -5.58 -16.94 -6.82
C ASN D 34 -5.07 -15.56 -6.39
N TYR D 35 -5.24 -14.53 -7.23
CA TYR D 35 -5.04 -13.16 -6.79
C TYR D 35 -6.17 -12.65 -5.92
N MET D 36 -7.27 -13.41 -5.84
CA MET D 36 -8.55 -12.94 -5.33
C MET D 36 -9.20 -11.90 -6.24
N ASN D 37 -8.75 -11.77 -7.50
CA ASN D 37 -9.57 -11.09 -8.49
C ASN D 37 -10.91 -11.81 -8.59
N LEU D 38 -11.98 -11.04 -8.82
CA LEU D 38 -13.33 -11.57 -8.83
C LEU D 38 -14.08 -11.04 -10.05
N THR D 39 -14.97 -11.87 -10.58
CA THR D 39 -16.03 -11.42 -11.45
C THR D 39 -17.35 -11.77 -10.81
N LEU D 40 -18.28 -10.79 -10.81
CA LEU D 40 -19.61 -10.89 -10.23
C LEU D 40 -20.66 -10.60 -11.29
N ARG D 41 -21.86 -11.18 -11.10
CA ARG D 41 -23.02 -10.88 -11.93
C ARG D 41 -24.18 -10.40 -11.05
N GLU D 42 -25.07 -9.63 -11.68
CA GLU D 42 -26.29 -9.10 -11.05
C GLU D 42 -25.95 -8.37 -9.75
N VAL D 43 -25.26 -7.25 -9.91
CA VAL D 43 -24.53 -6.60 -8.83
C VAL D 43 -25.28 -5.36 -8.36
N ILE D 44 -25.24 -5.13 -7.05
CA ILE D 44 -25.63 -3.87 -6.44
C ILE D 44 -24.38 -3.27 -5.79
N ARG D 45 -24.01 -2.07 -6.23
CA ARG D 45 -22.84 -1.34 -5.73
C ARG D 45 -23.32 -0.23 -4.80
N THR D 46 -22.89 -0.26 -3.54
CA THR D 46 -23.22 0.75 -2.55
C THR D 46 -21.98 1.57 -2.22
N MET D 47 -22.10 2.89 -2.33
CA MET D 47 -20.98 3.78 -2.08
C MET D 47 -20.67 3.85 -0.58
N PRO D 48 -19.46 4.28 -0.21
CA PRO D 48 -19.04 4.19 1.20
C PRO D 48 -20.02 4.78 2.21
N ASP D 49 -20.46 6.02 1.98
CA ASP D 49 -21.37 6.67 2.91
C ASP D 49 -22.74 6.00 3.00
N GLY D 50 -23.01 5.00 2.16
CA GLY D 50 -24.34 4.42 2.12
C GLY D 50 -25.39 5.29 1.49
N ASP D 51 -24.99 6.26 0.67
CA ASP D 51 -25.89 7.29 0.16
C ASP D 51 -26.26 7.14 -1.31
N LYS D 52 -25.48 6.43 -2.11
CA LYS D 52 -25.76 6.25 -3.53
C LYS D 52 -25.57 4.79 -3.91
N PHE D 53 -26.49 4.28 -4.72
CA PHE D 53 -26.52 2.88 -5.10
C PHE D 53 -26.62 2.74 -6.62
N PHE D 54 -26.01 1.67 -7.14
CA PHE D 54 -25.98 1.41 -8.57
C PHE D 54 -26.23 -0.07 -8.84
N ARG D 55 -26.88 -0.37 -9.95
CA ARG D 55 -27.03 -1.74 -10.43
C ARG D 55 -26.10 -1.96 -11.62
N LEU D 56 -25.29 -3.01 -11.56
CA LEU D 56 -24.40 -3.39 -12.64
C LEU D 56 -24.73 -4.80 -13.12
N PRO D 57 -24.85 -5.05 -14.42
CA PRO D 57 -25.08 -6.42 -14.88
C PRO D 57 -23.94 -7.35 -14.52
N GLU D 58 -22.71 -6.86 -14.55
CA GLU D 58 -21.57 -7.66 -14.14
C GLU D 58 -20.44 -6.70 -13.82
N CYS D 59 -19.41 -7.23 -13.16
CA CYS D 59 -18.26 -6.40 -12.86
C CYS D 59 -17.06 -7.27 -12.52
N TYR D 60 -15.88 -6.66 -12.62
CA TYR D 60 -14.62 -7.29 -12.30
C TYR D 60 -13.96 -6.44 -11.22
N ILE D 61 -13.47 -7.10 -10.17
CA ILE D 61 -12.85 -6.45 -9.02
C ILE D 61 -11.42 -6.99 -8.88
N ARG D 62 -10.44 -6.10 -8.88
CA ARG D 62 -9.06 -6.53 -8.68
C ARG D 62 -8.85 -6.93 -7.23
N GLY D 63 -8.18 -8.06 -7.02
CA GLY D 63 -8.10 -8.65 -5.68
C GLY D 63 -7.42 -7.77 -4.64
N ASN D 64 -6.42 -6.97 -5.04
CA ASN D 64 -5.73 -6.17 -4.05
C ASN D 64 -6.51 -4.93 -3.63
N ASN D 65 -7.74 -4.77 -4.10
CA ASN D 65 -8.64 -3.71 -3.65
C ASN D 65 -9.63 -4.20 -2.61
N ILE D 66 -9.57 -5.46 -2.24
CA ILE D 66 -10.62 -6.08 -1.40
C ILE D 66 -10.27 -5.90 0.07
N LYS D 67 -11.28 -5.55 0.87
CA LYS D 67 -11.16 -5.60 2.31
C LYS D 67 -11.59 -6.97 2.81
N TYR D 68 -12.84 -7.33 2.55
CA TYR D 68 -13.27 -8.68 2.94
C TYR D 68 -14.43 -9.11 2.06
N LEU D 69 -14.78 -10.39 2.19
CA LEU D 69 -15.94 -10.98 1.55
C LEU D 69 -16.82 -11.60 2.61
N ARG D 70 -18.12 -11.56 2.39
CA ARG D 70 -19.08 -12.28 3.22
C ARG D 70 -19.85 -13.28 2.36
N ILE D 71 -20.06 -14.48 2.90
CA ILE D 71 -20.81 -15.51 2.21
C ILE D 71 -21.79 -16.13 3.20
N GLN D 72 -22.82 -16.78 2.65
CA GLN D 72 -23.83 -17.39 3.49
C GLN D 72 -23.24 -18.56 4.28
N ASP D 73 -23.72 -18.74 5.52
CA ASP D 73 -23.25 -19.86 6.31
C ASP D 73 -23.63 -21.18 5.65
N GLU D 74 -24.82 -21.23 5.04
CA GLU D 74 -25.29 -22.40 4.32
C GLU D 74 -24.26 -22.88 3.31
N VAL D 75 -23.58 -21.94 2.64
CA VAL D 75 -22.57 -22.29 1.66
C VAL D 75 -21.43 -23.03 2.31
N LEU D 76 -20.89 -22.48 3.40
CA LEU D 76 -19.79 -23.13 4.09
C LEU D 76 -20.20 -24.52 4.55
N SER D 77 -21.44 -24.69 5.01
CA SER D 77 -21.90 -26.01 5.44
C SER D 77 -21.96 -27.00 4.28
N GLN D 78 -22.57 -26.59 3.17
CA GLN D 78 -22.73 -27.49 2.03
C GLN D 78 -21.38 -27.82 1.38
N VAL D 79 -20.44 -26.88 1.39
CA VAL D 79 -19.12 -27.14 0.84
C VAL D 79 -18.34 -28.07 1.74
N ALA D 80 -18.47 -27.90 3.07
CA ALA D 80 -17.82 -28.83 4.00
C ALA D 80 -18.39 -30.23 3.84
N LYS D 81 -19.70 -30.34 3.57
CA LYS D 81 -20.28 -31.67 3.38
C LYS D 81 -19.76 -32.35 2.12
N GLN D 82 -19.47 -31.58 1.07
CA GLN D 82 -18.93 -32.13 -0.17
C GLN D 82 -17.43 -31.84 -0.27
N ILE E 5 -6.15 -3.08 -30.75
CA ILE E 5 -5.04 -2.15 -30.55
C ILE E 5 -4.30 -2.49 -29.27
N LEU E 6 -2.98 -2.57 -29.34
CA LEU E 6 -2.30 -2.93 -28.09
C LEU E 6 -1.89 -1.67 -27.34
N PRO E 7 -2.25 -1.56 -26.06
CA PRO E 7 -1.94 -0.33 -25.30
C PRO E 7 -0.48 0.10 -25.39
N LEU E 8 0.46 -0.81 -25.19
CA LEU E 8 1.87 -0.41 -25.17
C LEU E 8 2.38 -0.07 -26.56
N GLU E 9 1.76 -0.61 -27.61
CA GLU E 9 2.12 -0.18 -28.96
C GLU E 9 1.67 1.26 -29.22
N LEU E 10 0.51 1.64 -28.69
CA LEU E 10 0.08 3.04 -28.79
C LEU E 10 1.06 3.95 -28.06
N ILE E 11 1.50 3.53 -26.88
CA ILE E 11 2.49 4.35 -26.19
C ILE E 11 3.79 4.44 -26.98
N ASP E 12 4.25 3.32 -27.53
CA ASP E 12 5.49 3.36 -28.30
C ASP E 12 5.36 4.25 -29.53
N LYS E 13 4.16 4.28 -30.14
CA LYS E 13 3.95 5.15 -31.29
C LYS E 13 3.99 6.63 -30.90
N CYS E 14 3.79 6.92 -29.62
CA CYS E 14 3.82 8.30 -29.15
C CYS E 14 5.24 8.83 -28.89
N ILE E 15 6.29 8.02 -29.06
CA ILE E 15 7.63 8.47 -28.73
C ILE E 15 8.01 9.65 -29.63
N GLY E 16 8.57 10.70 -29.01
CA GLY E 16 8.88 11.92 -29.72
C GLY E 16 7.72 12.91 -29.81
N SER E 17 6.51 12.50 -29.41
CA SER E 17 5.33 13.34 -29.46
C SER E 17 4.86 13.67 -28.05
N ASN E 18 3.88 14.56 -27.96
CA ASN E 18 3.36 14.95 -26.66
C ASN E 18 2.58 13.81 -26.02
N LEU E 19 2.73 13.66 -24.71
CA LEU E 19 2.03 12.66 -23.92
C LEU E 19 1.55 13.34 -22.64
N TRP E 20 0.30 13.08 -22.27
CA TRP E 20 -0.32 13.64 -21.07
C TRP E 20 -0.57 12.49 -20.11
N VAL E 21 -0.02 12.58 -18.89
CA VAL E 21 -0.04 11.50 -17.89
C VAL E 21 -0.87 11.97 -16.72
N ILE E 22 -1.86 11.17 -16.33
CA ILE E 22 -2.75 11.50 -15.23
C ILE E 22 -2.49 10.50 -14.13
N MET E 23 -2.06 11.00 -12.95
CA MET E 23 -1.74 10.15 -11.82
C MET E 23 -3.00 9.79 -11.05
N LYS E 24 -2.87 8.85 -10.12
CA LYS E 24 -4.03 8.51 -9.30
C LYS E 24 -4.37 9.64 -8.35
N SER E 25 -3.39 10.44 -7.96
CA SER E 25 -3.61 11.63 -7.16
C SER E 25 -3.90 12.82 -8.07
N GLU E 26 -4.14 13.98 -7.47
CA GLU E 26 -4.51 15.19 -8.23
C GLU E 26 -3.24 15.82 -8.80
N ARG E 27 -2.63 15.09 -9.73
CA ARG E 27 -1.36 15.53 -10.32
C ARG E 27 -1.29 15.01 -11.73
N GLU E 28 -0.77 15.85 -12.64
CA GLU E 28 -0.68 15.49 -14.04
C GLU E 28 0.65 15.99 -14.61
N PHE E 29 1.10 15.34 -15.68
CA PHE E 29 2.31 15.77 -16.38
C PHE E 29 2.04 15.80 -17.87
N ALA E 30 2.61 16.77 -18.59
CA ALA E 30 2.49 16.78 -20.04
C ALA E 30 3.85 17.12 -20.63
N GLY E 31 4.35 16.27 -21.52
CA GLY E 31 5.57 16.63 -22.21
C GLY E 31 5.89 15.64 -23.31
N THR E 32 7.10 15.77 -23.85
CA THR E 32 7.51 14.94 -24.97
C THR E 32 7.97 13.58 -24.48
N LEU E 33 7.39 12.53 -25.02
CA LEU E 33 7.76 11.17 -24.60
C LEU E 33 9.13 10.82 -25.17
N VAL E 34 10.09 10.62 -24.29
CA VAL E 34 11.40 10.12 -24.69
C VAL E 34 11.43 8.61 -24.73
N GLY E 35 10.89 7.96 -23.71
CA GLY E 35 10.93 6.51 -23.74
C GLY E 35 10.31 5.94 -22.47
N PHE E 36 10.22 4.60 -22.42
CA PHE E 36 9.63 3.94 -21.26
C PHE E 36 10.15 2.50 -21.16
N ASP E 37 9.97 1.89 -19.99
CA ASP E 37 10.53 0.56 -19.75
C ASP E 37 9.37 -0.43 -19.52
N ASP E 38 9.72 -1.65 -19.08
CA ASP E 38 8.73 -2.71 -18.98
C ASP E 38 7.71 -2.46 -17.86
N TYR E 39 8.00 -1.58 -16.92
CA TYR E 39 7.03 -1.22 -15.90
C TYR E 39 6.34 0.09 -16.20
N VAL E 40 6.56 0.63 -17.41
CA VAL E 40 6.02 1.92 -17.85
C VAL E 40 6.43 3.01 -16.87
N ASN E 41 7.65 2.92 -16.34
CA ASN E 41 8.32 4.14 -15.94
C ASN E 41 8.61 4.91 -17.20
N ILE E 42 8.45 6.24 -17.15
CA ILE E 42 8.46 7.03 -18.38
C ILE E 42 9.48 8.16 -18.27
N VAL E 43 10.20 8.42 -19.35
CA VAL E 43 11.07 9.60 -19.44
C VAL E 43 10.38 10.59 -20.37
N LEU E 44 10.13 11.79 -19.83
CA LEU E 44 9.53 12.93 -20.53
C LEU E 44 10.52 14.09 -20.57
N LYS E 45 10.45 14.88 -21.65
CA LYS E 45 11.28 16.07 -21.75
C LYS E 45 10.38 17.27 -22.06
N ASP E 46 10.86 18.46 -21.69
CA ASP E 46 10.13 19.71 -21.89
C ASP E 46 8.72 19.59 -21.31
N VAL E 47 8.70 19.34 -20.01
CA VAL E 47 7.52 18.88 -19.28
C VAL E 47 6.91 20.02 -18.49
N THR E 48 5.58 19.94 -18.33
CA THR E 48 4.83 20.78 -17.41
C THR E 48 4.11 19.86 -16.42
N GLU E 49 4.33 20.12 -15.14
CA GLU E 49 3.69 19.40 -14.05
C GLU E 49 2.57 20.26 -13.50
N TYR E 50 1.41 19.63 -13.25
CA TYR E 50 0.19 20.29 -12.82
C TYR E 50 -0.24 19.72 -11.49
N ASP E 51 -0.43 20.60 -10.51
CA ASP E 51 -1.17 20.27 -9.30
C ASP E 51 -2.61 20.68 -9.56
N THR E 52 -3.51 19.71 -9.70
CA THR E 52 -4.87 20.04 -10.08
C THR E 52 -5.76 20.37 -8.88
N VAL E 53 -5.21 20.44 -7.68
CA VAL E 53 -5.93 21.06 -6.56
C VAL E 53 -5.55 22.53 -6.42
N THR E 54 -4.25 22.84 -6.36
CA THR E 54 -3.82 24.23 -6.22
C THR E 54 -3.77 24.98 -7.53
N GLY E 55 -3.73 24.28 -8.66
CA GLY E 55 -3.55 24.94 -9.94
C GLY E 55 -2.14 25.36 -10.26
N VAL E 56 -1.19 25.15 -9.35
CA VAL E 56 0.19 25.54 -9.58
C VAL E 56 0.81 24.63 -10.63
N THR E 57 1.63 25.21 -11.51
CA THR E 57 2.38 24.42 -12.49
C THR E 57 3.87 24.66 -12.31
N GLU E 58 4.66 23.67 -12.73
CA GLU E 58 6.12 23.74 -12.72
C GLU E 58 6.66 23.16 -14.01
N LYS E 59 7.82 23.64 -14.44
CA LYS E 59 8.46 23.13 -15.63
C LYS E 59 9.65 22.24 -15.27
N HIS E 60 9.91 21.25 -16.12
CA HIS E 60 11.07 20.37 -16.00
C HIS E 60 11.67 20.15 -17.37
N SER E 61 13.00 20.15 -17.46
CA SER E 61 13.63 19.96 -18.77
C SER E 61 13.57 18.50 -19.23
N GLU E 62 13.81 17.56 -18.31
CA GLU E 62 13.76 16.14 -18.60
C GLU E 62 13.68 15.39 -17.27
N MET E 63 12.85 14.34 -17.24
CA MET E 63 12.60 13.69 -15.96
C MET E 63 12.18 12.25 -16.21
N LEU E 64 12.44 11.42 -15.20
CA LEU E 64 11.96 10.05 -15.13
C LEU E 64 10.81 10.00 -14.14
N LEU E 65 9.63 9.62 -14.61
CA LEU E 65 8.42 9.52 -13.83
C LEU E 65 8.19 8.06 -13.44
N ASN E 66 8.03 7.84 -12.13
CA ASN E 66 7.72 6.51 -11.60
C ASN E 66 6.36 6.08 -12.12
N GLY E 67 6.29 4.89 -12.71
CA GLY E 67 5.01 4.48 -13.27
C GLY E 67 4.01 3.98 -12.26
N ASN E 68 4.42 3.80 -11.00
CA ASN E 68 3.57 3.18 -9.99
C ASN E 68 2.20 3.86 -9.89
N GLY E 69 2.17 5.17 -9.87
CA GLY E 69 0.88 5.83 -9.66
C GLY E 69 0.14 6.26 -10.90
N MET E 70 0.58 5.86 -12.10
CA MET E 70 -0.02 6.35 -13.32
C MET E 70 -1.34 5.64 -13.59
N CYS E 71 -2.38 6.42 -13.85
CA CYS E 71 -3.68 5.90 -14.21
C CYS E 71 -3.89 5.93 -15.71
N MET E 72 -3.63 7.09 -16.33
CA MET E 72 -3.92 7.23 -17.76
C MET E 72 -2.74 7.86 -18.47
N LEU E 73 -2.49 7.40 -19.70
CA LEU E 73 -1.52 7.98 -20.62
C LEU E 73 -2.28 8.36 -21.88
N ILE E 74 -2.23 9.64 -22.26
CA ILE E 74 -3.07 10.16 -23.33
C ILE E 74 -2.14 10.69 -24.42
N PRO E 75 -2.02 9.97 -25.53
CA PRO E 75 -1.17 10.47 -26.62
C PRO E 75 -1.70 11.80 -27.17
N GLY E 76 -0.77 12.66 -27.56
CA GLY E 76 -1.13 13.96 -28.08
C GLY E 76 -1.09 15.09 -27.06
N GLY E 77 -0.88 14.79 -25.79
CA GLY E 77 -0.71 15.82 -24.79
C GLY E 77 -2.03 16.41 -24.32
N LYS E 78 -1.89 17.48 -23.53
CA LYS E 78 -2.96 18.13 -22.79
C LYS E 78 -3.47 19.37 -23.52
N PRO E 79 -4.78 19.56 -23.64
CA PRO E 79 -5.38 20.77 -24.25
C PRO E 79 -5.21 22.00 -23.36
N SER F 5 17.35 0.64 -22.05
CA SER F 5 16.22 1.18 -21.28
C SER F 5 16.32 2.71 -21.20
N SER F 6 15.33 3.41 -21.75
CA SER F 6 15.32 4.87 -21.63
C SER F 6 15.36 5.36 -20.18
N PRO F 7 14.61 4.80 -19.24
CA PRO F 7 14.81 5.20 -17.83
C PRO F 7 16.26 5.07 -17.38
N ASN F 8 16.90 3.94 -17.71
CA ASN F 8 18.28 3.72 -17.30
C ASN F 8 19.25 4.65 -18.03
N GLU F 9 18.98 4.96 -19.30
CA GLU F 9 19.82 5.90 -20.04
C GLU F 9 19.77 7.29 -19.42
N PHE F 10 18.55 7.75 -19.07
CA PHE F 10 18.40 9.04 -18.42
C PHE F 10 19.14 9.06 -17.08
N LEU F 11 18.92 8.04 -16.25
CA LEU F 11 19.57 8.00 -14.95
C LEU F 11 21.08 7.97 -15.10
N ASN F 12 21.59 7.16 -16.02
CA ASN F 12 23.01 7.10 -16.27
C ASN F 12 23.56 8.46 -16.68
N LYS F 13 22.76 9.27 -17.37
CA LYS F 13 23.30 10.57 -17.74
C LYS F 13 23.14 11.66 -16.69
N VAL F 14 22.32 11.47 -15.64
CA VAL F 14 22.30 12.45 -14.55
C VAL F 14 23.12 12.02 -13.33
N ILE F 15 23.71 10.83 -13.33
CA ILE F 15 24.61 10.44 -12.26
C ILE F 15 25.75 11.44 -12.15
N GLY F 16 26.06 11.86 -10.93
CA GLY F 16 27.09 12.86 -10.72
C GLY F 16 26.65 14.28 -10.97
N LYS F 17 25.40 14.51 -11.34
CA LYS F 17 24.86 15.84 -11.57
C LYS F 17 23.77 16.15 -10.56
N LYS F 18 23.42 17.43 -10.48
CA LYS F 18 22.38 17.89 -9.58
C LYS F 18 21.01 17.53 -10.13
N VAL F 19 20.17 16.92 -9.29
CA VAL F 19 18.84 16.51 -9.68
C VAL F 19 17.86 16.94 -8.59
N LEU F 20 16.60 17.03 -8.99
CA LEU F 20 15.47 17.25 -8.10
C LEU F 20 14.71 15.95 -7.99
N ILE F 21 14.57 15.43 -6.78
CA ILE F 21 13.79 14.23 -6.48
C ILE F 21 12.51 14.70 -5.82
N ARG F 22 11.37 14.36 -6.39
CA ARG F 22 10.12 14.63 -5.68
C ARG F 22 9.57 13.31 -5.18
N LEU F 23 9.22 13.29 -3.89
CA LEU F 23 8.59 12.12 -3.29
C LEU F 23 7.08 12.23 -3.42
N SER F 24 6.40 11.08 -3.31
CA SER F 24 4.95 11.07 -3.45
C SER F 24 4.27 12.00 -2.45
N SER F 25 4.87 12.17 -1.27
CA SER F 25 4.43 13.14 -0.29
C SER F 25 4.59 14.59 -0.75
N GLY F 26 5.27 14.84 -1.87
CA GLY F 26 5.54 16.19 -2.31
C GLY F 26 6.78 16.83 -1.71
N VAL F 27 7.37 16.22 -0.66
CA VAL F 27 8.65 16.69 -0.16
C VAL F 27 9.69 16.58 -1.27
N ASP F 28 10.53 17.61 -1.43
CA ASP F 28 11.52 17.63 -2.49
C ASP F 28 12.93 17.51 -1.93
N TYR F 29 13.82 16.92 -2.72
CA TYR F 29 15.23 16.84 -2.40
C TYR F 29 16.03 17.29 -3.62
N LYS F 30 16.95 18.21 -3.42
CA LYS F 30 17.87 18.62 -4.48
C LYS F 30 19.27 18.16 -4.08
N GLY F 31 19.92 17.39 -4.94
CA GLY F 31 21.26 16.96 -4.58
C GLY F 31 21.99 16.38 -5.76
N ILE F 32 23.24 15.98 -5.52
CA ILE F 32 24.06 15.33 -6.54
C ILE F 32 23.79 13.83 -6.50
N LEU F 33 23.32 13.26 -7.62
CA LEU F 33 22.97 11.85 -7.65
C LEU F 33 24.23 11.01 -7.68
N SER F 34 24.48 10.24 -6.60
CA SER F 34 25.68 9.41 -6.58
C SER F 34 25.46 8.08 -7.28
N CYS F 35 24.42 7.34 -6.89
CA CYS F 35 24.16 6.04 -7.48
C CYS F 35 22.74 5.65 -7.11
N LEU F 36 22.30 4.54 -7.70
CA LEU F 36 20.95 4.05 -7.57
C LEU F 36 20.97 2.53 -7.72
N ASP F 37 19.86 1.87 -7.37
CA ASP F 37 19.80 0.44 -7.64
C ASP F 37 18.48 0.08 -8.32
N GLY F 38 18.22 -1.22 -8.48
CA GLY F 38 17.04 -1.70 -9.18
C GLY F 38 15.72 -1.41 -8.48
N TYR F 39 15.74 -0.99 -7.22
CA TYR F 39 14.53 -0.59 -6.52
C TYR F 39 14.29 0.91 -6.58
N MET F 40 15.11 1.64 -7.32
CA MET F 40 15.13 3.10 -7.31
C MET F 40 15.52 3.65 -5.94
N ASN F 41 16.15 2.84 -5.08
CA ASN F 41 16.85 3.42 -3.95
C ASN F 41 17.90 4.36 -4.51
N LEU F 42 18.09 5.50 -3.85
CA LEU F 42 19.01 6.53 -4.33
C LEU F 42 19.98 6.90 -3.23
N ALA F 43 21.20 7.27 -3.64
CA ALA F 43 22.15 7.91 -2.74
C ALA F 43 22.44 9.29 -3.30
N LEU F 44 22.27 10.33 -2.48
CA LEU F 44 22.56 11.70 -2.91
C LEU F 44 23.68 12.28 -2.06
N GLU F 45 24.52 13.12 -2.67
CA GLU F 45 25.44 13.99 -1.95
C GLU F 45 24.92 15.42 -2.02
N ARG F 46 25.32 16.23 -1.04
CA ARG F 46 25.01 17.66 -1.05
C ARG F 46 23.50 17.88 -1.22
N THR F 47 22.74 17.35 -0.25
CA THR F 47 21.29 17.26 -0.35
C THR F 47 20.62 18.39 0.40
N GLU F 48 19.69 19.06 -0.25
CA GLU F 48 18.82 20.05 0.36
C GLU F 48 17.39 19.52 0.36
N GLU F 49 16.73 19.57 1.51
CA GLU F 49 15.35 19.10 1.68
C GLU F 49 14.41 20.30 1.66
N TYR F 50 13.28 20.18 0.94
CA TYR F 50 12.32 21.27 0.81
C TYR F 50 10.92 20.76 1.09
N VAL F 51 10.21 21.45 1.97
CA VAL F 51 8.81 21.15 2.26
C VAL F 51 8.00 22.39 1.91
N ASN F 52 6.93 22.19 1.14
CA ASN F 52 6.27 23.28 0.43
C ASN F 52 7.32 24.05 -0.35
N GLY F 53 7.72 25.22 0.14
CA GLY F 53 8.75 25.96 -0.56
C GLY F 53 10.02 26.15 0.23
N LYS F 54 10.00 25.80 1.51
CA LYS F 54 11.08 26.17 2.41
C LYS F 54 12.08 25.03 2.59
N LYS F 55 13.36 25.39 2.61
CA LYS F 55 14.44 24.45 2.89
C LYS F 55 14.41 24.07 4.38
N THR F 56 14.22 22.78 4.65
CA THR F 56 14.04 22.28 6.01
C THR F 56 15.23 21.52 6.56
N ASN F 57 16.10 21.00 5.71
CA ASN F 57 17.26 20.22 6.16
C ASN F 57 18.31 20.24 5.07
N VAL F 58 19.55 19.94 5.47
CA VAL F 58 20.61 19.58 4.53
C VAL F 58 21.30 18.32 5.03
N TYR F 59 21.80 17.52 4.09
CA TYR F 59 22.57 16.31 4.38
C TYR F 59 23.77 16.22 3.46
N GLY F 60 24.95 15.95 4.04
CA GLY F 60 26.12 15.68 3.21
C GLY F 60 25.92 14.46 2.32
N ASP F 61 25.27 13.43 2.86
CA ASP F 61 24.91 12.23 2.11
C ASP F 61 23.55 11.78 2.62
N ALA F 62 22.69 11.35 1.72
CA ALA F 62 21.37 10.88 2.12
C ALA F 62 21.00 9.64 1.32
N PHE F 63 20.41 8.65 1.98
CA PHE F 63 19.84 7.49 1.33
C PHE F 63 18.34 7.70 1.26
N ILE F 64 17.76 7.53 0.07
CA ILE F 64 16.31 7.68 -0.12
C ILE F 64 15.74 6.34 -0.56
N ARG F 65 14.77 5.83 0.20
CA ARG F 65 14.19 4.54 -0.14
C ARG F 65 13.31 4.67 -1.38
N GLY F 66 13.51 3.77 -2.34
CA GLY F 66 12.99 4.01 -3.68
C GLY F 66 11.47 4.03 -3.81
N ASN F 67 10.75 3.37 -2.90
CA ASN F 67 9.29 3.30 -3.03
C ASN F 67 8.61 4.67 -2.90
N ASN F 68 9.28 5.64 -2.28
CA ASN F 68 8.69 6.97 -2.10
C ASN F 68 8.97 7.90 -3.28
N VAL F 69 9.78 7.51 -4.25
CA VAL F 69 10.22 8.45 -5.28
C VAL F 69 9.12 8.64 -6.32
N LEU F 70 8.68 9.89 -6.52
CA LEU F 70 7.72 10.16 -7.60
C LEU F 70 8.44 10.42 -8.90
N TYR F 71 9.46 11.26 -8.85
CA TYR F 71 10.24 11.43 -10.06
C TYR F 71 11.65 11.89 -9.72
N VAL F 72 12.53 11.75 -10.73
CA VAL F 72 13.90 12.28 -10.74
C VAL F 72 13.98 13.22 -11.93
N SER F 73 14.26 14.49 -11.68
CA SER F 73 14.26 15.49 -12.74
C SER F 73 15.63 16.15 -12.86
N ALA F 74 16.06 16.38 -14.10
CA ALA F 74 17.33 17.07 -14.34
C ALA F 74 17.19 18.55 -13.99
N LEU F 75 18.29 19.14 -13.53
CA LEU F 75 18.31 20.56 -13.19
C LEU F 75 19.27 21.35 -14.08
N SER G 24 -6.99 -14.36 -18.13
CA SER G 24 -7.76 -13.56 -17.17
C SER G 24 -9.15 -14.14 -16.99
N ILE G 25 -9.70 -14.04 -15.77
CA ILE G 25 -11.05 -14.51 -15.55
C ILE G 25 -12.05 -13.60 -16.26
N LEU G 26 -11.63 -12.42 -16.67
CA LEU G 26 -12.47 -11.53 -17.46
C LEU G 26 -12.04 -11.62 -18.92
N ASP G 27 -12.97 -12.01 -19.78
CA ASP G 27 -12.74 -12.06 -21.22
C ASP G 27 -13.08 -10.68 -21.79
N LEU G 28 -12.07 -9.82 -21.88
CA LEU G 28 -12.30 -8.44 -22.31
C LEU G 28 -12.78 -8.34 -23.75
N SER G 29 -12.52 -9.35 -24.58
CA SER G 29 -13.04 -9.34 -25.94
C SER G 29 -14.56 -9.25 -25.97
N ARG G 30 -15.24 -9.62 -24.89
CA ARG G 30 -16.70 -9.50 -24.84
C ARG G 30 -17.15 -8.05 -24.83
N TYR G 31 -16.30 -7.13 -24.40
CA TYR G 31 -16.65 -5.71 -24.32
C TYR G 31 -16.15 -4.90 -25.50
N GLN G 32 -15.57 -5.55 -26.51
CA GLN G 32 -14.97 -4.85 -27.64
C GLN G 32 -16.01 -3.93 -28.29
N ASP G 33 -15.65 -2.65 -28.39
CA ASP G 33 -16.49 -1.62 -28.98
C ASP G 33 -17.74 -1.32 -28.15
N GLN G 34 -17.72 -1.68 -26.87
CA GLN G 34 -18.74 -1.27 -25.92
C GLN G 34 -18.16 -0.28 -24.94
N ARG G 35 -19.02 0.58 -24.39
CA ARG G 35 -18.60 1.49 -23.35
C ARG G 35 -18.52 0.75 -22.01
N ILE G 36 -17.37 0.85 -21.35
CA ILE G 36 -17.19 0.30 -20.03
C ILE G 36 -16.82 1.43 -19.08
N GLN G 37 -17.04 1.17 -17.80
CA GLN G 37 -16.67 2.04 -16.70
C GLN G 37 -15.47 1.41 -16.01
N ALA G 38 -14.48 2.24 -15.70
CA ALA G 38 -13.27 1.82 -15.03
C ALA G 38 -13.06 2.69 -13.82
N THR G 39 -12.74 2.08 -12.69
CA THR G 39 -12.37 2.83 -11.50
C THR G 39 -10.95 2.48 -11.13
N PHE G 40 -10.19 3.52 -10.72
CA PHE G 40 -8.79 3.42 -10.34
C PHE G 40 -8.64 3.45 -8.82
N THR G 41 -7.55 2.84 -8.35
CA THR G 41 -7.15 3.03 -6.98
C THR G 41 -6.95 4.53 -6.72
N GLY G 42 -7.47 5.01 -5.59
CA GLY G 42 -7.47 6.43 -5.30
C GLY G 42 -8.75 7.16 -5.67
N GLY G 43 -9.63 6.53 -6.45
CA GLY G 43 -10.98 7.02 -6.62
C GLY G 43 -11.36 7.52 -8.01
N ARG G 44 -10.40 7.76 -8.91
CA ARG G 44 -10.79 8.27 -10.23
C ARG G 44 -11.72 7.29 -10.94
N GLN G 45 -12.69 7.83 -11.67
CA GLN G 45 -13.66 7.05 -12.41
C GLN G 45 -13.80 7.57 -13.83
N ILE G 46 -13.74 6.67 -14.81
CA ILE G 46 -13.90 7.04 -16.21
C ILE G 46 -14.85 6.08 -16.88
N THR G 47 -15.34 6.48 -18.05
CA THR G 47 -15.99 5.57 -18.97
C THR G 47 -15.36 5.77 -20.34
N GLY G 48 -15.39 4.72 -21.15
CA GLY G 48 -14.86 4.82 -22.50
C GLY G 48 -15.15 3.55 -23.27
N ILE G 49 -15.00 3.65 -24.59
CA ILE G 49 -15.30 2.54 -25.48
C ILE G 49 -14.05 1.71 -25.65
N LEU G 50 -14.14 0.43 -25.30
CA LEU G 50 -12.99 -0.46 -25.34
C LEU G 50 -12.54 -0.69 -26.78
N LYS G 51 -11.30 -0.31 -27.07
CA LYS G 51 -10.71 -0.53 -28.38
C LYS G 51 -9.58 -1.55 -28.34
N GLY G 52 -8.92 -1.74 -27.20
CA GLY G 52 -7.89 -2.77 -27.15
C GLY G 52 -7.51 -3.06 -25.71
N PHE G 53 -6.72 -4.12 -25.53
CA PHE G 53 -6.27 -4.51 -24.20
C PHE G 53 -5.13 -5.50 -24.35
N ASP G 54 -4.46 -5.80 -23.24
CA ASP G 54 -3.41 -6.82 -23.24
C ASP G 54 -3.60 -7.73 -22.05
N GLN G 55 -2.70 -8.71 -21.91
CA GLN G 55 -2.85 -9.68 -20.84
C GLN G 55 -2.59 -9.09 -19.46
N LEU G 56 -2.00 -7.90 -19.37
CA LEU G 56 -1.81 -7.24 -18.09
C LEU G 56 -2.98 -6.34 -17.72
N MET G 57 -4.06 -6.37 -18.51
CA MET G 57 -5.25 -5.56 -18.32
C MET G 57 -4.98 -4.07 -18.50
N ASN G 58 -3.91 -3.69 -19.21
CA ASN G 58 -3.91 -2.36 -19.79
C ASN G 58 -4.99 -2.29 -20.86
N LEU G 59 -5.60 -1.12 -20.99
CA LEU G 59 -6.69 -0.93 -21.94
C LEU G 59 -6.37 0.21 -22.87
N VAL G 60 -6.99 0.19 -24.05
CA VAL G 60 -7.16 1.35 -24.91
C VAL G 60 -8.65 1.64 -24.98
N LEU G 61 -9.05 2.83 -24.52
CA LEU G 61 -10.44 3.28 -24.55
C LEU G 61 -10.53 4.55 -25.39
N ASP G 62 -11.62 4.68 -26.14
CA ASP G 62 -11.86 5.86 -26.95
C ASP G 62 -13.10 6.58 -26.45
N ASP G 63 -13.23 7.85 -26.83
CA ASP G 63 -14.36 8.70 -26.42
C ASP G 63 -14.49 8.71 -24.89
N VAL G 64 -13.33 8.75 -24.21
CA VAL G 64 -13.30 8.65 -22.76
C VAL G 64 -13.87 9.92 -22.13
N GLU G 65 -14.66 9.74 -21.07
CA GLU G 65 -15.07 10.83 -20.20
C GLU G 65 -14.69 10.47 -18.77
N GLU G 66 -14.13 11.44 -18.05
CA GLU G 66 -13.83 11.27 -16.64
C GLU G 66 -14.89 11.96 -15.81
N GLN G 67 -15.43 11.25 -14.81
CA GLN G 67 -16.42 11.81 -13.91
C GLN G 67 -15.68 12.45 -12.75
N LEU G 68 -15.71 13.79 -12.71
CA LEU G 68 -14.92 14.53 -11.73
C LEU G 68 -15.53 14.43 -10.34
N ARG G 69 -14.67 14.53 -9.33
CA ARG G 69 -15.08 14.44 -7.93
C ARG G 69 -14.80 15.75 -7.21
N ASN G 70 -15.49 15.94 -6.07
CA ASN G 70 -15.27 17.10 -5.21
C ASN G 70 -13.96 16.94 -4.45
N PRO G 71 -13.20 18.03 -4.29
CA PRO G 71 -11.87 17.90 -3.65
C PRO G 71 -11.92 17.29 -2.26
N GLU G 72 -12.83 17.77 -1.41
CA GLU G 72 -12.92 17.27 -0.04
C GLU G 72 -13.58 15.89 -0.01
N ASP G 73 -14.89 15.84 -0.25
CA ASP G 73 -15.66 14.61 -0.06
C ASP G 73 -15.21 13.49 -0.99
N GLY G 74 -14.54 13.79 -2.09
CA GLY G 74 -14.19 12.76 -3.05
C GLY G 74 -15.36 12.12 -3.74
N LYS G 75 -16.55 12.70 -3.62
CA LYS G 75 -17.75 12.19 -4.27
C LYS G 75 -17.95 12.87 -5.63
N LEU G 76 -18.57 12.14 -6.55
CA LEU G 76 -18.83 12.67 -7.89
C LEU G 76 -19.64 13.96 -7.82
N THR G 77 -19.23 14.94 -8.60
CA THR G 77 -19.90 16.23 -8.67
C THR G 77 -20.94 16.31 -9.78
N GLY G 78 -20.96 15.34 -10.69
CA GLY G 78 -21.81 15.40 -11.86
C GLY G 78 -21.13 15.93 -13.10
N ALA G 79 -20.08 16.74 -12.95
CA ALA G 79 -19.34 17.26 -14.08
C ALA G 79 -18.42 16.20 -14.66
N ILE G 80 -18.11 16.34 -15.95
CA ILE G 80 -17.19 15.43 -16.62
C ILE G 80 -16.17 16.25 -17.39
N ARG G 81 -15.06 15.60 -17.72
CA ARG G 81 -14.15 16.14 -18.72
C ARG G 81 -13.90 15.09 -19.79
N LYS G 82 -13.76 15.54 -21.02
CA LYS G 82 -13.52 14.63 -22.14
C LYS G 82 -12.02 14.40 -22.30
N LEU G 83 -11.62 13.15 -22.47
CA LEU G 83 -10.22 12.80 -22.55
C LEU G 83 -9.81 12.14 -23.87
N GLY G 84 -10.76 11.74 -24.71
CA GLY G 84 -10.41 11.23 -26.04
C GLY G 84 -9.91 9.81 -25.96
N LEU G 85 -8.81 9.54 -26.67
CA LEU G 85 -8.23 8.20 -26.76
C LEU G 85 -7.17 8.05 -25.68
N VAL G 86 -7.35 7.07 -24.80
CA VAL G 86 -6.60 6.95 -23.55
C VAL G 86 -6.06 5.54 -23.41
N VAL G 87 -4.81 5.43 -22.95
CA VAL G 87 -4.29 4.16 -22.46
C VAL G 87 -4.47 4.10 -20.95
N VAL G 88 -5.14 3.03 -20.49
CA VAL G 88 -5.42 2.79 -19.07
C VAL G 88 -4.42 1.78 -18.54
N ARG G 89 -3.75 2.10 -17.44
CA ARG G 89 -2.78 1.19 -16.84
CA ARG G 89 -2.78 1.20 -16.83
C ARG G 89 -3.49 0.11 -16.03
N GLY G 90 -3.18 -1.16 -16.33
CA GLY G 90 -3.83 -2.26 -15.64
C GLY G 90 -3.46 -2.36 -14.16
N THR G 91 -2.29 -1.83 -13.79
CA THR G 91 -1.85 -1.90 -12.40
C THR G 91 -2.73 -1.08 -11.46
N THR G 92 -3.29 0.03 -11.93
CA THR G 92 -4.06 0.92 -11.07
C THR G 92 -5.56 0.74 -11.22
N LEU G 93 -5.98 -0.15 -12.12
CA LEU G 93 -7.37 -0.50 -12.29
C LEU G 93 -7.87 -1.24 -11.07
N VAL G 94 -9.03 -0.85 -10.54
CA VAL G 94 -9.59 -1.66 -9.45
C VAL G 94 -10.95 -2.22 -9.82
N LEU G 95 -11.69 -1.56 -10.71
CA LEU G 95 -13.01 -2.06 -11.07
C LEU G 95 -13.26 -1.86 -12.56
N ILE G 96 -13.87 -2.87 -13.21
CA ILE G 96 -14.29 -2.78 -14.60
C ILE G 96 -15.71 -3.27 -14.72
N ALA G 97 -16.57 -2.50 -15.39
CA ALA G 97 -17.95 -2.98 -15.56
C ALA G 97 -18.54 -2.39 -16.83
N PRO G 98 -19.34 -3.14 -17.58
CA PRO G 98 -19.98 -2.55 -18.76
C PRO G 98 -21.01 -1.50 -18.36
N MET G 99 -21.13 -0.46 -19.21
CA MET G 99 -22.11 0.59 -18.97
C MET G 99 -23.53 0.14 -19.30
N ASP G 100 -23.70 -0.60 -20.39
CA ASP G 100 -25.04 -1.02 -20.78
C ASP G 100 -25.64 -1.92 -19.72
N GLY G 101 -26.85 -1.58 -19.28
CA GLY G 101 -27.48 -2.25 -18.17
C GLY G 101 -27.20 -1.64 -16.81
N SER G 102 -26.18 -0.79 -16.69
CA SER G 102 -25.96 -0.09 -15.45
C SER G 102 -27.03 0.99 -15.26
N GLU G 103 -27.18 1.42 -14.00
CA GLU G 103 -28.02 2.56 -13.66
C GLU G 103 -27.90 2.88 -12.17
N GLU G 104 -27.85 4.15 -11.83
CA GLU G 104 -28.02 4.56 -10.44
C GLU G 104 -29.44 4.23 -10.00
N ILE G 105 -29.57 3.65 -8.82
CA ILE G 105 -30.88 3.19 -8.35
C ILE G 105 -31.11 3.70 -6.93
N PRO G 106 -32.37 3.75 -6.50
CA PRO G 106 -32.65 4.02 -5.08
C PRO G 106 -32.34 2.78 -4.23
N ASN G 107 -32.31 3.02 -2.92
CA ASN G 107 -31.98 2.00 -1.92
C ASN G 107 -32.82 0.75 -2.11
N PRO G 108 -32.23 -0.38 -2.51
CA PRO G 108 -33.01 -1.61 -2.68
C PRO G 108 -33.38 -2.27 -1.36
#